data_8ZB5
#
_entry.id   8ZB5
#
_cell.length_a   131.999
_cell.length_b   131.999
_cell.length_c   174.314
_cell.angle_alpha   90.00
_cell.angle_beta   90.00
_cell.angle_gamma   120.00
#
_symmetry.space_group_name_H-M   'P 61 2 2'
#
loop_
_entity.id
_entity.type
_entity.pdbx_description
1 polymer 'NAD(+) diphosphatase'
2 non-polymer 'CALCIUM ION'
3 non-polymer 'ADENOSINE MONOPHOSPHATE'
4 non-polymer 2-AMINO-2-HYDROXYMETHYL-PROPANE-1,3-DIOL
5 water water
#
_entity_poly.entity_id   1
_entity_poly.type   'polypeptide(L)'
_entity_poly.pdbx_seq_one_letter_code
;MTFRLRNIPLLSRVGLDRADELRSNPEELAKGWAEAGLITLDVRGRVNIVDGQVVIEDAARIGDQPPEHAVFLGRIPGGR
HVWAVRADLDEDSAPLLDLRRSGQLFDDTSAALLATAMAMLAWHDNAGYSPVDGSPTIPAKGGWVRVNSATGQEEFPRTD
PAIICLVHDGGDRAVLGRQKFWPERMFSLLAGFVEAGESLEACVAREVAEEVGLTVTDVQYLGSQPWPFPRSIMLGFHAI
GDPSQPFAFNDGEIAEADWFTRAEVRSALEAGDWTTASDSRLMLPGSISIAREIVESWAYAGEEPPAGRPLEHHHHHH
;
_entity_poly.pdbx_strand_id   B,A
#
loop_
_chem_comp.id
_chem_comp.type
_chem_comp.name
_chem_comp.formula
AMP non-polymer 'ADENOSINE MONOPHOSPHATE' 'C10 H14 N5 O7 P'
CA non-polymer 'CALCIUM ION' 'Ca 2'
TRS non-polymer 2-AMINO-2-HYDROXYMETHYL-PROPANE-1,3-DIOL 'C4 H12 N O3 1'
#
# COMPACT_ATOMS: atom_id res chain seq x y z
N PHE A 3 -22.45 6.92 -0.18
CA PHE A 3 -22.10 7.70 -1.40
C PHE A 3 -20.87 7.12 -2.08
N ARG A 4 -20.66 7.55 -3.33
CA ARG A 4 -19.50 7.18 -4.12
C ARG A 4 -18.85 8.46 -4.63
N LEU A 5 -17.61 8.32 -5.12
CA LEU A 5 -16.91 9.44 -5.76
C LEU A 5 -17.61 9.80 -7.06
N ARG A 6 -17.77 11.11 -7.31
CA ARG A 6 -18.39 11.61 -8.53
C ARG A 6 -17.41 11.48 -9.69
N ASN A 7 -16.16 11.89 -9.44
CA ASN A 7 -15.12 11.87 -10.45
C ASN A 7 -14.00 10.92 -10.04
N ILE A 8 -13.33 10.35 -11.05
CA ILE A 8 -12.07 9.70 -10.84
C ILE A 8 -11.07 10.79 -10.43
N PRO A 9 -10.32 10.62 -9.33
CA PRO A 9 -9.37 11.64 -8.91
C PRO A 9 -8.26 11.83 -9.95
N LEU A 10 -7.76 13.06 -10.07
CA LEU A 10 -6.62 13.34 -10.91
C LEU A 10 -5.51 12.30 -10.67
N LEU A 11 -4.87 11.87 -11.76
CA LEU A 11 -3.70 11.01 -11.72
C LEU A 11 -4.10 9.53 -11.69
N SER A 12 -5.42 9.24 -11.65
CA SER A 12 -5.88 7.87 -11.47
C SER A 12 -6.50 7.29 -12.74
N ARG A 13 -6.63 8.10 -13.80
CA ARG A 13 -7.51 7.81 -14.93
C ARG A 13 -6.85 6.83 -15.90
N VAL A 14 -6.58 5.60 -15.43
CA VAL A 14 -5.78 4.59 -16.12
C VAL A 14 -4.38 5.16 -16.38
N GLY A 15 -3.48 4.35 -16.93
CA GLY A 15 -2.13 4.79 -17.25
C GLY A 15 -1.82 4.60 -18.73
N LEU A 16 -0.57 4.24 -19.01
CA LEU A 16 -0.09 4.04 -20.37
C LEU A 16 0.21 2.58 -20.63
N ASP A 17 0.77 2.31 -21.81
CA ASP A 17 1.38 1.04 -22.09
C ASP A 17 2.77 1.07 -21.47
N ARG A 18 2.87 0.62 -20.21
CA ARG A 18 4.10 0.71 -19.44
C ARG A 18 5.14 -0.27 -19.97
N ALA A 19 4.70 -1.20 -20.84
CA ALA A 19 5.55 -2.17 -21.52
C ALA A 19 6.49 -2.85 -20.54
N ASP A 20 5.91 -3.58 -19.58
CA ASP A 20 6.66 -4.39 -18.63
C ASP A 20 7.65 -5.28 -19.37
N GLU A 21 7.18 -5.90 -20.47
CA GLU A 21 7.98 -6.81 -21.29
C GLU A 21 9.41 -6.31 -21.49
N LEU A 22 9.56 -5.05 -21.91
CA LEU A 22 10.81 -4.56 -22.46
C LEU A 22 11.83 -4.25 -21.37
N ARG A 23 11.39 -4.12 -20.11
CA ARG A 23 12.31 -3.70 -19.07
C ARG A 23 13.47 -4.67 -18.96
N SER A 24 13.19 -5.97 -19.18
CA SER A 24 14.17 -7.04 -19.06
C SER A 24 14.64 -7.48 -20.45
N ASN A 25 14.98 -6.51 -21.30
CA ASN A 25 15.30 -6.76 -22.69
C ASN A 25 16.17 -5.61 -23.19
N PRO A 26 17.44 -5.51 -22.70
CA PRO A 26 18.26 -4.33 -22.96
C PRO A 26 18.33 -3.93 -24.43
N GLU A 27 18.30 -4.94 -25.32
CA GLU A 27 18.46 -4.75 -26.75
C GLU A 27 17.31 -3.92 -27.31
N GLU A 28 16.07 -4.34 -27.02
CA GLU A 28 14.90 -3.68 -27.56
C GLU A 28 14.82 -2.23 -27.10
N LEU A 29 15.30 -1.97 -25.87
CA LEU A 29 15.35 -0.63 -25.33
C LEU A 29 16.28 0.22 -26.18
N ALA A 30 17.45 -0.35 -26.53
CA ALA A 30 18.49 0.33 -27.30
C ALA A 30 18.03 0.62 -28.72
N LYS A 31 17.29 -0.32 -29.33
CA LYS A 31 16.82 -0.15 -30.69
C LYS A 31 15.79 0.98 -30.82
N GLY A 32 14.91 1.09 -29.82
CA GLY A 32 13.85 2.09 -29.84
C GLY A 32 14.30 3.47 -29.36
N TRP A 33 15.51 3.54 -28.77
CA TRP A 33 16.03 4.76 -28.18
C TRP A 33 16.34 5.81 -29.24
N ALA A 34 16.60 5.36 -30.47
CA ALA A 34 16.96 6.24 -31.58
C ALA A 34 15.94 7.37 -31.71
N GLU A 35 14.65 7.02 -31.77
CA GLU A 35 13.58 7.99 -31.93
C GLU A 35 12.67 7.98 -30.69
N ALA A 36 13.28 7.82 -29.51
CA ALA A 36 12.55 7.78 -28.26
C ALA A 36 12.24 9.20 -27.79
N GLY A 37 11.33 9.29 -26.81
CA GLY A 37 10.99 10.55 -26.16
C GLY A 37 11.66 10.65 -24.80
N LEU A 38 11.87 11.88 -24.33
CA LEU A 38 12.50 12.09 -23.03
C LEU A 38 11.76 13.20 -22.28
N ILE A 39 11.41 12.88 -21.04
CA ILE A 39 10.80 13.82 -20.11
C ILE A 39 11.86 14.15 -19.08
N THR A 40 11.86 15.37 -18.55
CA THR A 40 12.94 15.80 -17.67
C THR A 40 12.38 16.51 -16.45
N LEU A 41 12.85 16.11 -15.26
CA LEU A 41 12.34 16.58 -13.98
C LEU A 41 13.50 17.13 -13.17
N ASP A 42 13.30 18.28 -12.50
CA ASP A 42 14.37 18.85 -11.70
C ASP A 42 14.31 18.17 -10.34
N VAL A 43 15.14 18.65 -9.41
CA VAL A 43 15.33 18.06 -8.09
C VAL A 43 14.01 18.11 -7.30
N ARG A 44 13.22 19.18 -7.51
CA ARG A 44 12.02 19.40 -6.72
C ARG A 44 10.81 18.72 -7.37
N GLY A 45 11.03 18.05 -8.50
CA GLY A 45 9.97 17.34 -9.20
C GLY A 45 9.19 18.24 -10.15
N ARG A 46 9.76 19.42 -10.46
CA ARG A 46 9.14 20.38 -11.37
C ARG A 46 9.30 19.88 -12.80
N VAL A 47 8.38 20.28 -13.69
CA VAL A 47 8.46 19.91 -15.10
C VAL A 47 7.86 21.01 -15.97
N ASN A 48 8.16 20.92 -17.26
CA ASN A 48 7.69 21.86 -18.27
C ASN A 48 6.42 21.34 -18.92
N ILE A 49 5.62 22.26 -19.43
CA ILE A 49 4.36 21.96 -20.08
C ILE A 49 4.24 22.84 -21.33
N VAL A 50 3.56 22.31 -22.36
CA VAL A 50 3.29 23.03 -23.59
C VAL A 50 1.93 22.58 -24.12
N ASP A 51 0.98 23.51 -24.27
CA ASP A 51 -0.35 23.20 -24.80
C ASP A 51 -1.01 22.08 -24.00
N GLY A 52 -0.92 22.17 -22.66
CA GLY A 52 -1.59 21.24 -21.76
C GLY A 52 -0.91 19.86 -21.69
N GLN A 53 0.30 19.75 -22.23
CA GLN A 53 0.94 18.45 -22.40
C GLN A 53 2.38 18.50 -21.93
N VAL A 54 2.89 17.36 -21.47
CA VAL A 54 4.25 17.32 -20.94
C VAL A 54 5.21 17.52 -22.11
N VAL A 55 6.37 18.11 -21.81
CA VAL A 55 7.40 18.33 -22.81
C VAL A 55 8.14 17.02 -23.05
N ILE A 56 8.13 16.55 -24.30
CA ILE A 56 8.84 15.33 -24.66
C ILE A 56 9.90 15.69 -25.70
N GLU A 57 11.16 15.74 -25.25
CA GLU A 57 12.29 16.00 -26.12
C GLU A 57 12.48 14.82 -27.07
N ASP A 58 13.33 15.02 -28.09
CA ASP A 58 13.96 13.91 -28.79
C ASP A 58 15.08 13.40 -27.90
N ALA A 59 15.15 12.07 -27.74
CA ALA A 59 15.85 11.44 -26.63
C ALA A 59 17.33 11.25 -26.93
N ALA A 60 17.65 11.05 -28.22
CA ALA A 60 19.00 10.68 -28.65
C ALA A 60 19.99 11.80 -28.34
N ARG A 61 19.46 12.99 -28.02
CA ARG A 61 20.25 14.19 -27.84
C ARG A 61 20.81 14.26 -26.43
N ILE A 62 21.08 13.11 -25.80
CA ILE A 62 21.88 13.09 -24.58
C ILE A 62 22.85 11.90 -24.60
N GLY A 63 22.80 11.08 -25.65
CA GLY A 63 23.60 9.87 -25.68
C GLY A 63 23.31 9.02 -26.92
N ASP A 64 24.21 8.06 -27.14
CA ASP A 64 24.01 7.00 -28.12
C ASP A 64 22.99 6.01 -27.56
N GLN A 65 23.12 5.72 -26.25
CA GLN A 65 22.41 4.64 -25.60
C GLN A 65 21.62 5.19 -24.40
N PRO A 66 20.66 4.42 -23.84
CA PRO A 66 19.92 4.85 -22.65
C PRO A 66 20.83 4.80 -21.42
N PRO A 67 20.96 5.90 -20.66
CA PRO A 67 21.81 5.89 -19.46
C PRO A 67 21.18 5.10 -18.32
N GLU A 68 22.00 4.80 -17.31
CA GLU A 68 21.60 3.96 -16.20
C GLU A 68 20.65 4.72 -15.26
N HIS A 69 20.79 6.05 -15.18
CA HIS A 69 20.06 6.88 -14.23
C HIS A 69 18.66 7.20 -14.75
N ALA A 70 18.42 6.91 -16.04
CA ALA A 70 17.10 7.07 -16.64
C ALA A 70 16.14 5.97 -16.21
N VAL A 71 14.85 6.20 -16.53
CA VAL A 71 13.75 5.33 -16.17
C VAL A 71 12.83 5.20 -17.38
N PHE A 72 12.55 3.95 -17.78
CA PHE A 72 11.72 3.67 -18.94
C PHE A 72 10.25 3.67 -18.55
N LEU A 73 9.46 4.53 -19.20
CA LEU A 73 8.09 4.80 -18.79
C LEU A 73 7.09 4.03 -19.66
N GLY A 74 7.51 3.57 -20.83
CA GLY A 74 6.63 2.81 -21.70
C GLY A 74 6.55 3.40 -23.10
N ARG A 75 5.40 3.16 -23.75
CA ARG A 75 5.14 3.58 -25.13
C ARG A 75 3.94 4.52 -25.13
N ILE A 76 3.88 5.41 -26.13
CA ILE A 76 2.77 6.32 -26.29
C ILE A 76 2.01 5.93 -27.56
N PRO A 77 0.74 6.37 -27.76
CA PRO A 77 0.00 6.02 -28.98
C PRO A 77 0.84 6.25 -30.24
N GLY A 78 1.02 5.18 -31.04
CA GLY A 78 1.94 5.22 -32.17
C GLY A 78 3.05 4.20 -32.02
N GLY A 79 3.48 3.95 -30.78
CA GLY A 79 4.44 2.90 -30.50
C GLY A 79 5.82 3.43 -30.07
N ARG A 80 5.90 4.76 -29.84
CA ARG A 80 7.17 5.41 -29.56
C ARG A 80 7.51 5.31 -28.08
N HIS A 81 8.73 4.80 -27.79
CA HIS A 81 9.25 4.74 -26.42
C HIS A 81 9.33 6.13 -25.80
N VAL A 82 9.35 6.18 -24.46
CA VAL A 82 9.43 7.42 -23.70
C VAL A 82 10.15 7.12 -22.39
N TRP A 83 11.13 7.97 -22.04
CA TRP A 83 11.95 7.78 -20.86
C TRP A 83 11.94 9.04 -20.00
N ALA A 84 12.52 8.96 -18.80
CA ALA A 84 12.57 10.10 -17.89
C ALA A 84 13.94 10.17 -17.26
N VAL A 85 14.46 11.39 -17.08
CA VAL A 85 15.71 11.60 -16.37
C VAL A 85 15.55 12.74 -15.38
N ARG A 86 16.36 12.69 -14.33
CA ARG A 86 16.58 13.82 -13.46
C ARG A 86 17.58 14.74 -14.17
N ALA A 87 17.34 16.06 -14.10
CA ALA A 87 18.22 17.04 -14.69
C ALA A 87 17.87 18.43 -14.14
N ASP A 88 18.79 19.37 -14.29
CA ASP A 88 18.49 20.78 -14.10
C ASP A 88 17.49 21.20 -15.17
N LEU A 89 16.65 22.19 -14.87
CA LEU A 89 15.77 22.73 -15.89
C LEU A 89 16.07 24.20 -16.19
N ASP A 90 15.75 24.58 -17.44
CA ASP A 90 16.01 25.91 -17.95
C ASP A 90 15.00 26.88 -17.35
N GLU A 91 15.54 27.86 -16.62
CA GLU A 91 14.76 28.87 -15.93
C GLU A 91 13.99 29.71 -16.96
N ASP A 92 14.41 29.66 -18.22
CA ASP A 92 13.77 30.45 -19.28
C ASP A 92 12.68 29.62 -19.96
N SER A 93 11.92 28.87 -19.15
CA SER A 93 10.72 28.19 -19.64
C SER A 93 9.58 28.38 -18.65
N ALA A 94 8.47 27.67 -18.86
CA ALA A 94 7.30 27.71 -17.99
C ALA A 94 7.31 26.50 -17.06
N PRO A 95 8.04 26.52 -15.92
CA PRO A 95 8.18 25.35 -15.05
C PRO A 95 7.15 25.43 -13.93
N LEU A 96 6.58 24.27 -13.56
CA LEU A 96 5.58 24.18 -12.51
C LEU A 96 6.25 23.76 -11.21
N LEU A 97 6.14 24.60 -10.17
CA LEU A 97 6.82 24.37 -8.90
C LEU A 97 6.31 23.10 -8.23
N ASP A 98 5.01 22.79 -8.43
CA ASP A 98 4.36 21.70 -7.74
C ASP A 98 3.29 21.12 -8.68
N LEU A 99 3.49 19.90 -9.17
CA LEU A 99 2.42 19.16 -9.83
C LEU A 99 1.21 19.01 -8.90
N ARG A 100 1.47 18.99 -7.60
CA ARG A 100 0.44 18.90 -6.58
C ARG A 100 -0.60 20.01 -6.71
N ARG A 101 -0.15 21.22 -7.09
CA ARG A 101 -1.00 22.40 -7.07
C ARG A 101 -1.37 22.86 -8.48
N SER A 102 -0.85 22.21 -9.52
CA SER A 102 -1.00 22.72 -10.87
C SER A 102 -1.29 21.60 -11.88
N GLY A 103 -1.37 20.36 -11.42
CA GLY A 103 -1.47 19.21 -12.31
C GLY A 103 -2.78 19.14 -13.09
N GLN A 104 -3.75 20.00 -12.73
CA GLN A 104 -5.02 20.08 -13.44
C GLN A 104 -4.82 20.68 -14.84
N LEU A 105 -3.65 21.30 -15.11
CA LEU A 105 -3.36 21.87 -16.41
C LEU A 105 -3.01 20.80 -17.44
N PHE A 106 -2.69 19.58 -16.99
CA PHE A 106 -2.22 18.53 -17.86
C PHE A 106 -3.37 17.62 -18.30
N ASP A 107 -3.24 17.00 -19.48
CA ASP A 107 -4.10 15.90 -19.87
C ASP A 107 -3.76 14.67 -19.03
N ASP A 108 -4.68 13.69 -19.06
CA ASP A 108 -4.58 12.49 -18.25
C ASP A 108 -3.27 11.75 -18.54
N THR A 109 -2.94 11.54 -19.82
CA THR A 109 -1.73 10.84 -20.21
C THR A 109 -0.50 11.49 -19.60
N SER A 110 -0.36 12.80 -19.81
CA SER A 110 0.81 13.54 -19.36
C SER A 110 0.96 13.42 -17.84
N ALA A 111 -0.18 13.45 -17.14
CA ALA A 111 -0.23 13.41 -15.69
C ALA A 111 0.23 12.03 -15.19
N ALA A 112 -0.12 10.98 -15.95
CA ALA A 112 0.29 9.62 -15.63
C ALA A 112 1.81 9.49 -15.77
N LEU A 113 2.31 9.90 -16.95
CA LEU A 113 3.75 9.93 -17.20
C LEU A 113 4.48 10.58 -16.03
N LEU A 114 3.98 11.75 -15.64
CA LEU A 114 4.70 12.59 -14.69
C LEU A 114 4.69 11.95 -13.31
N ALA A 115 3.54 11.39 -12.93
CA ALA A 115 3.39 10.73 -11.64
C ALA A 115 4.36 9.55 -11.55
N THR A 116 4.39 8.72 -12.60
CA THR A 116 5.30 7.60 -12.64
C THR A 116 6.72 8.10 -12.54
N ALA A 117 7.09 9.00 -13.47
CA ALA A 117 8.46 9.48 -13.58
C ALA A 117 8.91 10.06 -12.24
N MET A 118 8.01 10.80 -11.60
CA MET A 118 8.36 11.56 -10.42
C MET A 118 8.61 10.62 -9.24
N ALA A 119 7.80 9.57 -9.09
CA ALA A 119 7.94 8.67 -7.94
C ALA A 119 9.18 7.81 -8.08
N MET A 120 9.44 7.36 -9.32
CA MET A 120 10.60 6.54 -9.63
C MET A 120 11.91 7.29 -9.39
N LEU A 121 12.05 8.48 -10.00
CA LEU A 121 13.27 9.25 -9.84
C LEU A 121 13.52 9.55 -8.37
N ALA A 122 12.45 9.85 -7.64
CA ALA A 122 12.62 10.19 -6.23
C ALA A 122 13.12 8.96 -5.48
N TRP A 123 12.61 7.78 -5.88
CA TRP A 123 13.01 6.51 -5.28
C TRP A 123 14.49 6.25 -5.53
N HIS A 124 14.93 6.32 -6.80
CA HIS A 124 16.33 6.18 -7.15
C HIS A 124 17.20 7.03 -6.22
N ASP A 125 16.84 8.31 -6.09
CA ASP A 125 17.61 9.24 -5.28
C ASP A 125 17.64 8.80 -3.83
N ASN A 126 16.71 7.93 -3.39
CA ASN A 126 16.66 7.52 -2.00
C ASN A 126 16.89 6.02 -1.82
N ALA A 127 17.54 5.36 -2.78
CA ALA A 127 17.73 3.93 -2.70
C ALA A 127 19.05 3.52 -3.36
N GLY A 128 20.12 4.25 -3.02
CA GLY A 128 21.43 3.98 -3.58
C GLY A 128 22.19 2.95 -2.74
N TYR A 129 21.59 2.54 -1.61
CA TYR A 129 22.22 1.59 -0.69
C TYR A 129 21.18 0.58 -0.22
N SER A 130 21.59 -0.69 -0.11
CA SER A 130 20.75 -1.73 0.45
C SER A 130 20.46 -1.41 1.92
N PRO A 131 19.17 -1.47 2.33
CA PRO A 131 18.80 -1.35 3.74
C PRO A 131 19.26 -2.55 4.56
N VAL A 132 19.63 -3.62 3.85
CA VAL A 132 19.82 -4.93 4.46
C VAL A 132 21.23 -4.99 5.04
N ASP A 133 22.23 -4.71 4.18
CA ASP A 133 23.64 -4.78 4.55
C ASP A 133 24.30 -3.39 4.58
N GLY A 134 23.98 -2.53 3.60
CA GLY A 134 24.63 -1.22 3.48
C GLY A 134 25.28 -1.02 2.12
N SER A 135 25.29 -2.04 1.27
CA SER A 135 26.09 -2.00 0.05
C SER A 135 25.54 -0.96 -0.92
N PRO A 136 26.37 -0.30 -1.75
CA PRO A 136 25.88 0.42 -2.93
C PRO A 136 24.88 -0.42 -3.69
N THR A 137 24.04 0.21 -4.53
CA THR A 137 23.08 -0.47 -5.37
C THR A 137 23.19 0.13 -6.76
N ILE A 138 22.74 -0.57 -7.80
CA ILE A 138 22.96 -0.15 -9.18
C ILE A 138 21.65 -0.29 -9.95
N PRO A 139 21.18 0.74 -10.67
CA PRO A 139 19.93 0.65 -11.42
C PRO A 139 20.05 -0.46 -12.46
N ALA A 140 18.90 -1.02 -12.85
CA ALA A 140 18.82 -2.00 -13.93
C ALA A 140 17.38 -2.12 -14.42
N LYS A 141 17.22 -2.82 -15.55
CA LYS A 141 15.91 -3.17 -16.09
C LYS A 141 15.10 -1.91 -16.32
N GLY A 142 15.62 -1.02 -17.16
CA GLY A 142 14.98 0.24 -17.49
C GLY A 142 14.80 1.14 -16.26
N GLY A 143 15.58 0.90 -15.21
CA GLY A 143 15.48 1.68 -13.98
C GLY A 143 14.44 1.15 -13.00
N TRP A 144 13.83 -0.01 -13.28
CA TRP A 144 12.75 -0.51 -12.44
C TRP A 144 13.23 -1.37 -11.29
N VAL A 145 14.54 -1.64 -11.20
CA VAL A 145 15.12 -2.26 -10.01
C VAL A 145 16.47 -1.61 -9.74
N ARG A 146 16.95 -1.77 -8.50
CA ARG A 146 18.34 -1.51 -8.18
C ARG A 146 18.93 -2.78 -7.57
N VAL A 147 20.03 -3.26 -8.19
CA VAL A 147 20.71 -4.48 -7.78
C VAL A 147 21.79 -4.14 -6.76
N ASN A 148 21.77 -4.86 -5.63
CA ASN A 148 22.84 -4.79 -4.66
C ASN A 148 24.15 -5.21 -5.35
N SER A 149 25.22 -4.48 -5.07
CA SER A 149 26.50 -4.63 -5.76
C SER A 149 27.27 -5.84 -5.21
N ALA A 150 27.16 -6.06 -3.90
CA ALA A 150 27.78 -7.20 -3.24
C ALA A 150 27.01 -8.50 -3.51
N THR A 151 25.69 -8.53 -3.22
CA THR A 151 24.90 -9.75 -3.16
C THR A 151 24.11 -10.02 -4.44
N GLY A 152 23.80 -9.00 -5.24
CA GLY A 152 23.03 -9.20 -6.47
C GLY A 152 21.51 -9.16 -6.23
N GLN A 153 21.14 -8.98 -4.96
CA GLN A 153 19.74 -8.94 -4.53
C GLN A 153 19.05 -7.68 -5.04
N GLU A 154 17.85 -7.84 -5.59
CA GLU A 154 17.08 -6.73 -6.14
C GLU A 154 16.37 -5.94 -5.05
N GLU A 155 16.39 -4.61 -5.22
CA GLU A 155 15.55 -3.70 -4.45
C GLU A 155 14.52 -3.15 -5.43
N PHE A 156 13.29 -2.95 -4.94
CA PHE A 156 12.17 -2.54 -5.80
C PHE A 156 11.60 -1.20 -5.33
N PRO A 157 10.97 -0.43 -6.27
CA PRO A 157 10.31 0.83 -5.95
C PRO A 157 9.37 0.68 -4.76
N ARG A 158 9.44 1.68 -3.87
CA ARG A 158 8.71 1.70 -2.62
C ARG A 158 7.58 2.71 -2.72
N THR A 159 6.35 2.23 -2.52
CA THR A 159 5.16 3.05 -2.44
C THR A 159 4.55 2.77 -1.08
N ASP A 160 4.46 3.79 -0.22
CA ASP A 160 3.87 3.64 1.10
C ASP A 160 2.37 3.89 1.00
N PRO A 161 1.52 2.94 1.42
CA PRO A 161 0.07 3.18 1.44
C PRO A 161 -0.28 4.06 2.63
N ALA A 162 -1.16 5.05 2.37
CA ALA A 162 -1.71 5.90 3.40
C ALA A 162 -3.22 5.95 3.22
N ILE A 163 -3.95 6.06 4.34
CA ILE A 163 -5.38 6.23 4.28
C ILE A 163 -5.70 7.70 4.51
N ILE A 164 -6.81 8.13 3.90
CA ILE A 164 -7.35 9.47 4.12
C ILE A 164 -8.87 9.32 4.23
N CYS A 165 -9.42 9.88 5.31
CA CYS A 165 -10.75 9.51 5.73
C CYS A 165 -11.63 10.72 6.02
N LEU A 166 -12.90 10.62 5.59
CA LEU A 166 -13.96 11.52 6.00
C LEU A 166 -14.83 10.84 7.04
N VAL A 167 -14.74 11.31 8.29
CA VAL A 167 -15.65 10.87 9.34
C VAL A 167 -16.92 11.71 9.27
N HIS A 168 -18.07 11.06 9.09
CA HIS A 168 -19.37 11.73 9.04
C HIS A 168 -20.33 11.04 10.02
N ASP A 169 -21.44 11.73 10.36
CA ASP A 169 -22.36 11.28 11.39
C ASP A 169 -23.45 10.38 10.82
N GLY A 170 -23.45 10.18 9.49
CA GLY A 170 -24.45 9.36 8.83
C GLY A 170 -25.53 10.23 8.19
N GLY A 171 -25.51 11.53 8.51
CA GLY A 171 -26.46 12.50 8.01
C GLY A 171 -25.76 13.70 7.37
N ASP A 172 -25.64 14.80 8.12
CA ASP A 172 -25.39 16.11 7.54
C ASP A 172 -24.10 16.72 8.08
N ARG A 173 -23.33 15.98 8.89
CA ARG A 173 -22.16 16.57 9.53
C ARG A 173 -20.93 15.71 9.30
N ALA A 174 -19.75 16.34 9.31
CA ALA A 174 -18.52 15.63 9.02
C ALA A 174 -17.33 16.26 9.73
N VAL A 175 -16.37 15.41 10.14
CA VAL A 175 -15.19 15.87 10.84
C VAL A 175 -14.15 16.33 9.83
N LEU A 176 -13.55 17.48 10.13
CA LEU A 176 -12.32 17.94 9.49
C LEU A 176 -11.40 18.39 10.61
N GLY A 177 -10.09 18.36 10.35
CA GLY A 177 -9.08 18.69 11.34
C GLY A 177 -7.94 19.53 10.76
N ARG A 178 -7.20 20.23 11.63
CA ARG A 178 -6.07 21.03 11.19
C ARG A 178 -4.84 20.65 11.98
N GLN A 179 -3.71 20.56 11.27
CA GLN A 179 -2.43 20.20 11.86
C GLN A 179 -1.77 21.40 12.51
N LYS A 180 -0.84 21.11 13.43
CA LYS A 180 -0.25 22.06 14.36
C LYS A 180 0.07 23.41 13.71
N PHE A 181 0.81 23.39 12.59
CA PHE A 181 1.46 24.59 12.08
C PHE A 181 0.68 25.17 10.90
N TRP A 182 -0.50 24.63 10.59
CA TRP A 182 -1.29 25.11 9.46
C TRP A 182 -1.82 26.52 9.69
N PRO A 183 -1.84 27.41 8.68
CA PRO A 183 -2.64 28.63 8.74
C PRO A 183 -3.98 28.35 9.40
N GLU A 184 -4.49 29.33 10.16
CA GLU A 184 -5.74 29.12 10.87
C GLU A 184 -6.86 29.08 9.83
N ARG A 185 -7.98 28.48 10.24
CA ARG A 185 -9.20 28.41 9.44
C ARG A 185 -9.04 27.36 8.33
N MET A 186 -7.91 26.64 8.32
CA MET A 186 -7.61 25.67 7.27
C MET A 186 -7.71 24.25 7.85
N PHE A 187 -8.74 23.51 7.42
CA PHE A 187 -8.97 22.15 7.86
C PHE A 187 -8.93 21.22 6.65
N SER A 188 -8.80 19.91 6.90
CA SER A 188 -8.89 18.91 5.84
C SER A 188 -9.25 17.56 6.45
N LEU A 189 -9.20 16.51 5.61
CA LEU A 189 -9.44 15.15 6.06
C LEU A 189 -8.30 14.65 6.95
N LEU A 190 -8.56 13.53 7.63
CA LEU A 190 -7.57 12.89 8.49
C LEU A 190 -6.82 11.85 7.68
N ALA A 191 -5.50 11.84 7.84
CA ALA A 191 -4.65 10.96 7.05
C ALA A 191 -3.64 10.26 7.95
N GLY A 192 -3.10 9.14 7.45
CA GLY A 192 -2.18 8.33 8.22
C GLY A 192 -1.66 7.17 7.39
N PHE A 193 -0.43 6.75 7.71
CA PHE A 193 0.21 5.65 7.03
C PHE A 193 -0.26 4.33 7.62
N VAL A 194 -0.38 3.32 6.74
CA VAL A 194 -0.72 1.95 7.12
C VAL A 194 0.49 1.32 7.81
N GLU A 195 0.28 0.78 9.00
CA GLU A 195 1.33 0.05 9.69
C GLU A 195 1.31 -1.41 9.26
N ALA A 196 2.44 -2.09 9.50
CA ALA A 196 2.55 -3.53 9.31
C ALA A 196 1.53 -4.24 10.19
N GLY A 197 0.87 -5.26 9.65
CA GLY A 197 0.06 -6.15 10.46
C GLY A 197 -1.41 -5.71 10.59
N GLU A 198 -1.79 -4.64 9.90
CA GLU A 198 -3.17 -4.17 9.98
C GLU A 198 -3.76 -4.06 8.59
N SER A 199 -5.09 -4.24 8.54
CA SER A 199 -5.89 -4.00 7.35
C SER A 199 -6.16 -2.50 7.21
N LEU A 200 -6.60 -2.09 6.02
CA LEU A 200 -6.87 -0.67 5.79
C LEU A 200 -7.96 -0.21 6.75
N GLU A 201 -8.96 -1.07 6.97
CA GLU A 201 -10.12 -0.74 7.77
C GLU A 201 -9.71 -0.44 9.21
N ALA A 202 -8.82 -1.30 9.73
CA ALA A 202 -8.30 -1.15 11.08
C ALA A 202 -7.41 0.09 11.18
N CYS A 203 -6.64 0.35 10.11
CA CYS A 203 -5.78 1.52 10.05
C CYS A 203 -6.61 2.80 10.15
N VAL A 204 -7.71 2.88 9.37
CA VAL A 204 -8.61 4.03 9.40
C VAL A 204 -9.07 4.26 10.84
N ALA A 205 -9.66 3.21 11.45
CA ALA A 205 -10.16 3.28 12.82
C ALA A 205 -9.05 3.70 13.77
N ARG A 206 -7.86 3.13 13.60
CA ARG A 206 -6.75 3.46 14.48
C ARG A 206 -6.35 4.93 14.29
N GLU A 207 -6.15 5.35 13.03
CA GLU A 207 -5.63 6.69 12.77
C GLU A 207 -6.64 7.73 13.24
N VAL A 208 -7.94 7.45 13.04
CA VAL A 208 -8.96 8.38 13.49
C VAL A 208 -8.89 8.48 15.02
N ALA A 209 -8.83 7.34 15.72
CA ALA A 209 -8.80 7.34 17.18
C ALA A 209 -7.59 8.11 17.70
N GLU A 210 -6.42 7.87 17.09
CA GLU A 210 -5.21 8.53 17.55
C GLU A 210 -5.36 10.05 17.41
N GLU A 211 -5.78 10.50 16.23
CA GLU A 211 -5.64 11.91 15.87
C GLU A 211 -6.75 12.77 16.50
N VAL A 212 -7.99 12.26 16.61
CA VAL A 212 -9.09 13.04 17.15
C VAL A 212 -9.91 12.28 18.20
N GLY A 213 -9.55 11.03 18.52
CA GLY A 213 -10.12 10.33 19.66
C GLY A 213 -11.56 9.86 19.44
N LEU A 214 -11.98 9.69 18.17
CA LEU A 214 -13.30 9.17 17.89
C LEU A 214 -13.22 7.67 17.64
N THR A 215 -14.32 6.97 17.93
CA THR A 215 -14.50 5.57 17.57
C THR A 215 -15.44 5.53 16.36
N VAL A 216 -14.98 4.89 15.28
CA VAL A 216 -15.70 4.91 14.02
C VAL A 216 -16.13 3.49 13.68
N THR A 217 -17.17 3.37 12.84
CA THR A 217 -17.55 2.10 12.22
C THR A 217 -17.93 2.36 10.76
N ASP A 218 -18.25 1.28 10.05
CA ASP A 218 -18.78 1.33 8.69
C ASP A 218 -17.79 2.03 7.77
N VAL A 219 -16.53 1.56 7.83
CA VAL A 219 -15.43 2.10 7.07
C VAL A 219 -15.50 1.58 5.64
N GLN A 220 -15.71 2.49 4.67
CA GLN A 220 -15.85 2.10 3.26
C GLN A 220 -14.87 2.88 2.37
N TYR A 221 -14.29 2.13 1.43
CA TYR A 221 -13.37 2.64 0.44
C TYR A 221 -14.12 3.47 -0.61
N LEU A 222 -13.49 4.56 -1.05
CA LEU A 222 -14.05 5.46 -2.05
C LEU A 222 -13.25 5.41 -3.34
N GLY A 223 -11.93 5.36 -3.21
CA GLY A 223 -11.03 5.29 -4.34
C GLY A 223 -9.59 5.50 -3.91
N SER A 224 -8.69 5.63 -4.89
CA SER A 224 -7.26 5.71 -4.64
C SER A 224 -6.60 6.71 -5.56
N GLN A 225 -5.38 7.12 -5.22
CA GLN A 225 -4.64 8.12 -5.97
C GLN A 225 -3.14 7.99 -5.74
N PRO A 226 -2.31 7.85 -6.81
CA PRO A 226 -0.86 7.86 -6.65
C PRO A 226 -0.47 9.23 -6.12
N TRP A 227 0.51 9.27 -5.20
CA TRP A 227 0.84 10.49 -4.49
C TRP A 227 2.35 10.61 -4.31
N PRO A 228 3.08 10.84 -5.43
CA PRO A 228 4.54 10.94 -5.42
C PRO A 228 5.21 12.10 -4.70
N PHE A 229 4.93 12.26 -3.41
CA PHE A 229 5.41 13.44 -2.70
C PHE A 229 5.98 13.04 -1.34
N PRO A 230 7.04 12.22 -1.29
CA PRO A 230 7.66 11.64 -2.49
C PRO A 230 7.16 10.28 -2.97
N ARG A 231 6.48 9.49 -2.13
CA ARG A 231 6.24 8.10 -2.49
C ARG A 231 5.05 7.48 -1.74
N SER A 232 3.90 8.14 -1.78
CA SER A 232 2.70 7.61 -1.17
C SER A 232 1.77 7.08 -2.25
N ILE A 233 0.80 6.27 -1.82
CA ILE A 233 -0.43 6.06 -2.56
C ILE A 233 -1.55 6.25 -1.55
N MET A 234 -2.50 7.12 -1.88
CA MET A 234 -3.55 7.53 -0.96
C MET A 234 -4.77 6.67 -1.24
N LEU A 235 -5.34 6.10 -0.18
CA LEU A 235 -6.54 5.29 -0.28
C LEU A 235 -7.63 6.00 0.50
N GLY A 236 -8.71 6.39 -0.20
CA GLY A 236 -9.74 7.24 0.36
C GLY A 236 -10.86 6.40 0.97
N PHE A 237 -11.29 6.80 2.18
CA PHE A 237 -12.35 6.11 2.90
C PHE A 237 -13.34 7.11 3.49
N HIS A 238 -14.52 6.61 3.85
CA HIS A 238 -15.42 7.31 4.77
C HIS A 238 -15.83 6.36 5.90
N ALA A 239 -16.20 6.96 7.03
CA ALA A 239 -16.59 6.19 8.20
C ALA A 239 -17.59 6.97 9.04
N ILE A 240 -18.38 6.24 9.82
CA ILE A 240 -19.42 6.83 10.64
C ILE A 240 -18.88 6.99 12.06
N GLY A 241 -18.94 8.23 12.57
CA GLY A 241 -18.62 8.54 13.95
C GLY A 241 -19.87 8.95 14.73
N ASP A 242 -19.65 9.46 15.96
CA ASP A 242 -20.75 9.91 16.80
C ASP A 242 -20.38 11.29 17.35
N PRO A 243 -21.13 12.36 16.99
CA PRO A 243 -20.86 13.70 17.53
C PRO A 243 -20.89 13.87 19.06
N SER A 244 -21.62 13.00 19.76
CA SER A 244 -21.77 13.08 21.21
C SER A 244 -20.46 12.72 21.92
N GLN A 245 -19.68 11.81 21.32
CA GLN A 245 -18.37 11.46 21.83
C GLN A 245 -17.46 12.68 21.66
N PRO A 246 -16.88 13.23 22.75
CA PRO A 246 -16.03 14.43 22.63
C PRO A 246 -14.74 14.14 21.88
N PHE A 247 -14.08 15.21 21.42
CA PHE A 247 -12.80 15.07 20.75
C PHE A 247 -11.72 14.82 21.79
N ALA A 248 -10.51 14.46 21.31
CA ALA A 248 -9.35 14.23 22.14
C ALA A 248 -8.11 14.09 21.27
N PHE A 249 -7.13 14.99 21.45
CA PHE A 249 -5.96 15.05 20.59
C PHE A 249 -4.79 14.35 21.26
N ASN A 250 -4.80 13.00 21.19
CA ASN A 250 -3.80 12.15 21.83
C ASN A 250 -2.48 12.33 21.08
N ASP A 251 -2.36 11.66 19.92
CA ASP A 251 -1.25 11.86 19.01
C ASP A 251 -1.41 13.27 18.45
N GLY A 252 -0.80 14.24 19.14
CA GLY A 252 -1.08 15.64 18.94
C GLY A 252 -0.45 16.16 17.64
N GLU A 253 -0.90 15.62 16.51
CA GLU A 253 -0.62 16.17 15.20
C GLU A 253 -1.74 17.14 14.82
N ILE A 254 -2.90 17.03 15.52
CA ILE A 254 -4.09 17.80 15.24
C ILE A 254 -4.24 18.89 16.31
N ALA A 255 -4.12 20.15 15.89
CA ALA A 255 -4.32 21.30 16.76
C ALA A 255 -5.80 21.47 17.08
N GLU A 256 -6.65 21.41 16.05
CA GLU A 256 -8.05 21.79 16.17
C GLU A 256 -8.88 20.93 15.21
N ALA A 257 -10.14 20.67 15.59
CA ALA A 257 -11.07 19.91 14.77
C ALA A 257 -12.50 20.24 15.20
N ASP A 258 -13.46 20.02 14.29
CA ASP A 258 -14.88 20.18 14.63
C ASP A 258 -15.71 19.39 13.63
N TRP A 259 -17.02 19.26 13.92
CA TRP A 259 -17.99 18.80 12.94
C TRP A 259 -18.51 19.98 12.14
N PHE A 260 -18.62 19.78 10.83
CA PHE A 260 -19.10 20.79 9.91
C PHE A 260 -20.33 20.24 9.18
N THR A 261 -21.25 21.16 8.85
CA THR A 261 -22.46 20.81 8.14
C THR A 261 -22.14 20.74 6.64
N ARG A 262 -22.93 19.93 5.93
CA ARG A 262 -22.94 19.92 4.47
C ARG A 262 -22.92 21.36 3.94
N ALA A 263 -23.86 22.17 4.44
CA ALA A 263 -23.97 23.57 4.09
C ALA A 263 -22.60 24.25 4.20
N GLU A 264 -21.98 24.16 5.38
CA GLU A 264 -20.70 24.81 5.66
C GLU A 264 -19.65 24.37 4.65
N VAL A 265 -19.63 23.08 4.33
CA VAL A 265 -18.59 22.51 3.49
C VAL A 265 -18.79 22.96 2.04
N ARG A 266 -20.04 22.93 1.55
CA ARG A 266 -20.35 23.39 0.21
C ARG A 266 -19.81 24.80 -0.01
N SER A 267 -20.07 25.70 0.95
CA SER A 267 -19.67 27.10 0.83
C SER A 267 -18.16 27.24 0.97
N ALA A 268 -17.54 26.34 1.76
CA ALA A 268 -16.09 26.32 1.93
C ALA A 268 -15.41 25.85 0.65
N LEU A 269 -16.05 24.90 -0.05
CA LEU A 269 -15.58 24.40 -1.33
C LEU A 269 -15.58 25.52 -2.37
N GLU A 270 -16.64 26.35 -2.36
CA GLU A 270 -16.78 27.45 -3.31
C GLU A 270 -15.74 28.55 -3.07
N ALA A 271 -15.41 28.79 -1.79
CA ALA A 271 -14.46 29.84 -1.41
C ALA A 271 -13.08 29.57 -2.03
N GLY A 272 -12.44 28.45 -1.65
CA GLY A 272 -11.10 28.11 -2.09
C GLY A 272 -10.10 28.18 -0.93
N SER A 278 -11.65 34.72 2.06
CA SER A 278 -11.05 35.03 3.39
C SER A 278 -12.12 35.55 4.34
N ASP A 279 -13.24 34.82 4.43
CA ASP A 279 -14.49 35.32 4.97
C ASP A 279 -14.91 34.50 6.20
N SER A 280 -15.13 33.18 6.01
CA SER A 280 -15.72 32.30 7.02
C SER A 280 -14.68 31.43 7.73
N ARG A 281 -15.14 30.59 8.65
CA ARG A 281 -14.26 29.92 9.61
C ARG A 281 -13.57 28.69 9.01
N LEU A 282 -14.17 28.14 7.93
CA LEU A 282 -13.63 26.99 7.25
C LEU A 282 -13.14 27.37 5.85
N MET A 283 -11.89 26.99 5.54
CA MET A 283 -11.32 27.18 4.22
C MET A 283 -10.61 25.88 3.83
N LEU A 284 -10.70 25.50 2.56
CA LEU A 284 -10.13 24.24 2.12
C LEU A 284 -8.93 24.50 1.21
N PRO A 285 -7.74 23.93 1.52
CA PRO A 285 -6.56 24.07 0.66
C PRO A 285 -6.78 23.47 -0.74
N GLY A 286 -6.22 24.15 -1.75
CA GLY A 286 -6.58 23.91 -3.14
C GLY A 286 -5.51 23.14 -3.90
N SER A 287 -5.63 21.81 -3.92
CA SER A 287 -4.71 20.94 -4.60
C SER A 287 -5.49 19.92 -5.43
N ILE A 288 -4.75 19.03 -6.10
CA ILE A 288 -5.30 17.98 -6.93
C ILE A 288 -5.74 16.77 -6.10
N SER A 289 -5.64 16.87 -4.77
CA SER A 289 -5.78 15.74 -3.86
C SER A 289 -7.15 15.08 -3.96
N ILE A 290 -7.15 13.76 -3.79
CA ILE A 290 -8.37 12.98 -3.65
C ILE A 290 -9.17 13.49 -2.44
N ALA A 291 -8.50 14.17 -1.50
CA ALA A 291 -9.18 14.75 -0.35
C ALA A 291 -10.34 15.66 -0.79
N ARG A 292 -10.07 16.58 -1.73
CA ARG A 292 -11.09 17.48 -2.23
C ARG A 292 -12.25 16.69 -2.85
N GLU A 293 -11.91 15.68 -3.65
CA GLU A 293 -12.90 14.92 -4.40
C GLU A 293 -13.82 14.16 -3.44
N ILE A 294 -13.28 13.74 -2.29
CA ILE A 294 -14.04 12.98 -1.30
C ILE A 294 -15.01 13.94 -0.62
N VAL A 295 -14.49 15.08 -0.16
CA VAL A 295 -15.30 16.06 0.55
C VAL A 295 -16.44 16.52 -0.36
N GLU A 296 -16.09 16.80 -1.62
CA GLU A 296 -17.03 17.30 -2.61
C GLU A 296 -18.09 16.25 -2.89
N SER A 297 -17.69 14.97 -3.03
CA SER A 297 -18.64 13.92 -3.35
C SER A 297 -19.61 13.65 -2.21
N TRP A 298 -19.21 13.98 -0.98
CA TRP A 298 -20.07 13.80 0.19
C TRP A 298 -21.06 14.95 0.29
N ALA A 299 -20.55 16.18 0.15
CA ALA A 299 -21.32 17.40 0.37
C ALA A 299 -22.42 17.62 -0.67
N TYR A 300 -22.25 17.07 -1.89
CA TYR A 300 -23.28 17.13 -2.92
C TYR A 300 -23.79 15.73 -3.21
N ALA A 301 -24.18 14.96 -2.18
CA ALA A 301 -24.47 13.54 -2.34
C ALA A 301 -25.41 13.32 -3.53
N THR B 2 -22.05 -6.15 -7.50
CA THR B 2 -22.74 -7.45 -7.32
C THR B 2 -22.75 -7.82 -5.83
N PHE B 3 -21.55 -7.94 -5.24
CA PHE B 3 -21.38 -8.67 -3.99
C PHE B 3 -20.36 -8.03 -3.06
N ARG B 4 -20.39 -8.50 -1.80
CA ARG B 4 -19.51 -8.06 -0.74
C ARG B 4 -18.90 -9.31 -0.11
N LEU B 5 -17.85 -9.13 0.68
CA LEU B 5 -17.24 -10.25 1.39
C LEU B 5 -18.19 -10.73 2.51
N ARG B 6 -18.33 -12.05 2.64
CA ARG B 6 -19.19 -12.64 3.66
C ARG B 6 -18.51 -12.57 5.03
N ASN B 7 -17.22 -12.90 5.05
CA ASN B 7 -16.41 -12.87 6.26
C ASN B 7 -15.31 -11.81 6.14
N ILE B 8 -14.92 -11.28 7.29
CA ILE B 8 -13.68 -10.53 7.42
C ILE B 8 -12.54 -11.51 7.18
N PRO B 9 -11.58 -11.19 6.28
CA PRO B 9 -10.49 -12.12 6.00
C PRO B 9 -9.61 -12.32 7.23
N LEU B 10 -9.09 -13.54 7.37
CA LEU B 10 -8.19 -13.86 8.48
C LEU B 10 -7.08 -12.81 8.55
N LEU B 11 -6.70 -12.46 9.78
CA LEU B 11 -5.58 -11.56 10.06
C LEU B 11 -6.07 -10.12 10.09
N SER B 12 -7.33 -9.89 9.72
CA SER B 12 -7.96 -8.58 9.78
C SER B 12 -9.01 -8.54 10.90
N ARG B 13 -9.31 -9.69 11.52
CA ARG B 13 -10.53 -9.89 12.30
C ARG B 13 -10.56 -9.05 13.58
N VAL B 14 -9.40 -8.57 14.01
CA VAL B 14 -9.36 -7.64 15.13
C VAL B 14 -8.15 -6.74 14.97
N GLY B 15 -8.26 -5.51 15.47
CA GLY B 15 -7.11 -4.64 15.65
C GLY B 15 -6.63 -4.68 17.10
N LEU B 16 -5.31 -4.61 17.29
CA LEU B 16 -4.73 -4.55 18.62
C LEU B 16 -4.97 -3.16 19.20
N ASP B 17 -4.82 -3.04 20.52
CA ASP B 17 -4.58 -1.75 21.14
C ASP B 17 -3.08 -1.51 21.01
N ARG B 18 -2.66 -0.86 19.92
CA ARG B 18 -1.25 -0.73 19.59
C ARG B 18 -0.55 0.26 20.51
N ALA B 19 -1.35 1.02 21.29
CA ALA B 19 -0.88 1.98 22.27
C ALA B 19 0.21 2.88 21.67
N ASP B 20 -0.16 3.61 20.61
CA ASP B 20 0.71 4.53 19.92
C ASP B 20 1.37 5.48 20.92
N GLU B 21 0.59 5.99 21.88
CA GLU B 21 1.04 6.97 22.87
C GLU B 21 2.41 6.60 23.43
N LEU B 22 2.56 5.34 23.85
CA LEU B 22 3.68 4.94 24.71
C LEU B 22 4.98 4.78 23.91
N ARG B 23 4.90 4.63 22.59
CA ARG B 23 6.09 4.34 21.82
C ARG B 23 7.14 5.42 22.02
N SER B 24 6.70 6.69 22.17
CA SER B 24 7.60 7.82 22.33
C SER B 24 7.65 8.27 23.79
N ASN B 25 7.82 7.30 24.70
CA ASN B 25 7.70 7.56 26.12
C ASN B 25 8.51 6.49 26.87
N PRO B 26 9.86 6.52 26.77
CA PRO B 26 10.70 5.43 27.31
C PRO B 26 10.33 5.01 28.73
N GLU B 27 9.93 5.98 29.55
CA GLU B 27 9.67 5.77 30.95
C GLU B 27 8.48 4.82 31.13
N GLU B 28 7.36 5.14 30.48
CA GLU B 28 6.13 4.38 30.65
C GLU B 28 6.32 2.94 30.16
N LEU B 29 7.16 2.76 29.13
CA LEU B 29 7.52 1.44 28.63
C LEU B 29 8.21 0.63 29.71
N ALA B 30 9.16 1.29 30.40
CA ALA B 30 9.98 0.67 31.44
C ALA B 30 9.14 0.32 32.66
N LYS B 31 8.17 1.17 33.01
CA LYS B 31 7.34 0.97 34.18
C LYS B 31 6.44 -0.26 34.00
N GLY B 32 5.91 -0.45 32.78
CA GLY B 32 4.98 -1.54 32.51
C GLY B 32 5.70 -2.85 32.17
N TRP B 33 7.02 -2.79 31.97
CA TRP B 33 7.81 -3.94 31.57
C TRP B 33 7.89 -4.98 32.69
N ALA B 34 7.72 -4.53 33.94
CA ALA B 34 7.81 -5.40 35.10
C ALA B 34 6.91 -6.63 34.92
N GLU B 35 5.64 -6.39 34.56
CA GLU B 35 4.67 -7.45 34.38
C GLU B 35 4.21 -7.51 32.92
N ALA B 36 5.15 -7.30 32.00
CA ALA B 36 4.84 -7.30 30.58
C ALA B 36 4.81 -8.73 30.05
N GLY B 37 4.26 -8.87 28.84
CA GLY B 37 4.25 -10.14 28.13
C GLY B 37 5.30 -10.15 27.02
N LEU B 38 5.73 -11.34 26.63
CA LEU B 38 6.70 -11.46 25.58
C LEU B 38 6.31 -12.60 24.64
N ILE B 39 6.35 -12.32 23.35
CA ILE B 39 6.17 -13.30 22.30
C ILE B 39 7.55 -13.48 21.68
N THR B 40 7.85 -14.69 21.22
CA THR B 40 9.18 -14.96 20.68
C THR B 40 9.04 -15.70 19.35
N LEU B 41 9.75 -15.20 18.33
CA LEU B 41 9.68 -15.72 16.98
C LEU B 41 11.06 -16.17 16.58
N ASP B 42 11.14 -17.31 15.90
CA ASP B 42 12.39 -17.73 15.31
C ASP B 42 12.56 -16.96 14.01
N VAL B 43 13.62 -17.30 13.26
CA VAL B 43 14.03 -16.52 12.10
C VAL B 43 12.98 -16.63 11.00
N ARG B 44 12.28 -17.79 10.95
CA ARG B 44 11.33 -18.09 9.89
C ARG B 44 9.94 -17.56 10.24
N GLY B 45 9.81 -16.90 11.39
CA GLY B 45 8.56 -16.31 11.84
C GLY B 45 7.67 -17.29 12.59
N ARG B 46 8.22 -18.47 12.93
CA ARG B 46 7.47 -19.51 13.60
C ARG B 46 7.39 -19.17 15.07
N VAL B 47 6.35 -19.67 15.75
CA VAL B 47 6.18 -19.50 17.18
C VAL B 47 5.60 -20.78 17.79
N ASN B 48 5.53 -20.78 19.12
CA ASN B 48 4.86 -21.83 19.88
C ASN B 48 3.44 -21.38 20.14
N ILE B 49 2.50 -22.35 20.20
CA ILE B 49 1.14 -22.02 20.58
C ILE B 49 0.65 -23.03 21.62
N VAL B 50 -0.32 -22.57 22.39
CA VAL B 50 -0.95 -23.37 23.43
C VAL B 50 -2.44 -23.06 23.44
N ASP B 51 -3.26 -24.09 23.21
CA ASP B 51 -4.72 -23.96 23.20
C ASP B 51 -5.14 -22.89 22.19
N GLY B 52 -4.52 -22.92 21.00
CA GLY B 52 -4.89 -22.03 19.91
C GLY B 52 -4.43 -20.58 20.10
N GLN B 53 -3.53 -20.35 21.05
CA GLN B 53 -3.14 -19.01 21.43
C GLN B 53 -1.62 -18.90 21.42
N VAL B 54 -1.11 -17.75 21.00
CA VAL B 54 0.33 -17.56 20.95
C VAL B 54 0.83 -17.50 22.39
N VAL B 55 2.04 -18.01 22.61
CA VAL B 55 2.60 -18.14 23.94
C VAL B 55 3.14 -16.77 24.36
N ILE B 56 2.64 -16.28 25.50
CA ILE B 56 3.09 -15.03 26.06
C ILE B 56 3.81 -15.32 27.38
N GLU B 57 5.15 -15.26 27.33
CA GLU B 57 5.98 -15.45 28.49
C GLU B 57 5.77 -14.29 29.46
N ASP B 58 6.27 -14.45 30.69
CA ASP B 58 6.55 -13.32 31.56
C ASP B 58 7.84 -12.69 31.03
N ALA B 59 7.84 -11.36 30.91
CA ALA B 59 8.77 -10.65 30.05
C ALA B 59 10.09 -10.34 30.77
N ALA B 60 10.03 -10.23 32.10
CA ALA B 60 11.17 -9.85 32.92
C ALA B 60 12.31 -10.86 32.83
N ARG B 61 11.99 -12.06 32.32
CA ARG B 61 12.94 -13.15 32.24
C ARG B 61 13.80 -13.05 30.99
N ILE B 62 14.07 -11.84 30.50
CA ILE B 62 15.11 -11.63 29.51
C ILE B 62 15.87 -10.32 29.79
N GLY B 63 15.47 -9.59 30.84
CA GLY B 63 16.00 -8.26 31.05
C GLY B 63 15.45 -7.63 32.32
N ASP B 64 16.20 -6.67 32.86
CA ASP B 64 15.68 -5.69 33.81
C ASP B 64 14.77 -4.72 33.06
N GLN B 65 15.23 -4.31 31.87
CA GLN B 65 14.59 -3.29 31.06
C GLN B 65 14.30 -3.85 29.67
N PRO B 66 13.49 -3.15 28.82
CA PRO B 66 13.18 -3.62 27.48
C PRO B 66 14.40 -3.48 26.58
N PRO B 67 14.83 -4.57 25.89
CA PRO B 67 16.00 -4.50 25.02
C PRO B 67 15.69 -3.72 23.74
N GLU B 68 16.76 -3.37 23.03
CA GLU B 68 16.70 -2.48 21.89
C GLU B 68 16.11 -3.20 20.67
N HIS B 69 16.34 -4.52 20.60
CA HIS B 69 15.98 -5.33 19.43
C HIS B 69 14.50 -5.73 19.47
N ALA B 70 13.88 -5.54 20.63
CA ALA B 70 12.47 -5.82 20.84
C ALA B 70 11.58 -4.78 20.19
N VAL B 71 10.30 -5.16 20.07
CA VAL B 71 9.28 -4.37 19.38
C VAL B 71 8.03 -4.40 20.24
N PHE B 72 7.53 -3.20 20.55
CA PHE B 72 6.38 -3.04 21.43
C PHE B 72 5.10 -3.15 20.61
N LEU B 73 4.24 -4.12 20.97
CA LEU B 73 3.08 -4.48 20.16
C LEU B 73 1.82 -3.82 20.69
N GLY B 74 1.83 -3.39 21.95
CA GLY B 74 0.69 -2.72 22.53
C GLY B 74 0.25 -3.38 23.83
N ARG B 75 -1.06 -3.31 24.08
CA ARG B 75 -1.70 -3.82 25.29
C ARG B 75 -2.66 -4.94 24.92
N ILE B 76 -2.93 -5.83 25.87
CA ILE B 76 -3.96 -6.84 25.74
C ILE B 76 -5.07 -6.50 26.73
N PRO B 77 -6.30 -7.04 26.54
CA PRO B 77 -7.40 -6.80 27.50
C PRO B 77 -6.94 -6.96 28.94
N GLY B 78 -7.12 -5.90 29.75
CA GLY B 78 -6.59 -5.87 31.10
C GLY B 78 -5.62 -4.71 31.27
N GLY B 79 -4.87 -4.40 30.20
CA GLY B 79 -3.96 -3.26 30.19
C GLY B 79 -2.49 -3.68 30.26
N ARG B 80 -2.23 -4.98 30.07
CA ARG B 80 -0.89 -5.53 30.19
C ARG B 80 -0.12 -5.36 28.89
N HIS B 81 1.06 -4.73 28.96
CA HIS B 81 1.94 -4.55 27.82
C HIS B 81 2.35 -5.90 27.26
N VAL B 82 2.78 -5.90 25.98
CA VAL B 82 3.20 -7.13 25.31
C VAL B 82 4.22 -6.73 24.23
N TRP B 83 5.33 -7.47 24.19
CA TRP B 83 6.44 -7.18 23.29
C TRP B 83 6.76 -8.42 22.49
N ALA B 84 7.58 -8.24 21.46
CA ALA B 84 8.05 -9.34 20.64
C ALA B 84 9.55 -9.23 20.44
N VAL B 85 10.23 -10.38 20.44
CA VAL B 85 11.64 -10.44 20.14
C VAL B 85 11.89 -11.56 19.15
N ARG B 86 12.96 -11.42 18.38
CA ARG B 86 13.54 -12.53 17.66
C ARG B 86 14.38 -13.35 18.64
N ALA B 87 14.31 -14.68 18.52
CA ALA B 87 15.18 -15.59 19.26
C ALA B 87 15.23 -16.94 18.54
N ASP B 88 16.33 -17.68 18.71
CA ASP B 88 16.33 -19.07 18.29
C ASP B 88 15.46 -19.85 19.27
N LEU B 89 14.73 -20.84 18.74
CA LEU B 89 13.79 -21.66 19.51
C LEU B 89 14.04 -23.10 19.10
N ASP B 90 13.83 -24.06 20.03
CA ASP B 90 14.15 -25.45 19.75
C ASP B 90 13.06 -26.08 18.87
N GLU B 91 13.45 -26.51 17.67
CA GLU B 91 12.56 -27.13 16.72
C GLU B 91 12.00 -28.44 17.30
N ASP B 92 12.67 -29.00 18.33
CA ASP B 92 12.45 -30.38 18.73
C ASP B 92 11.81 -30.46 20.10
N SER B 93 11.79 -29.37 20.88
CA SER B 93 11.23 -29.44 22.23
C SER B 93 9.75 -29.14 22.23
N ALA B 94 9.26 -28.56 21.12
CA ALA B 94 7.89 -28.07 21.03
C ALA B 94 7.57 -27.73 19.56
N PRO B 95 6.29 -27.86 19.13
CA PRO B 95 5.93 -27.58 17.74
C PRO B 95 5.94 -26.08 17.46
N LEU B 96 6.58 -25.72 16.35
CA LEU B 96 6.68 -24.36 15.89
C LEU B 96 5.69 -24.15 14.76
N LEU B 97 4.79 -23.18 14.92
CA LEU B 97 3.79 -22.90 13.90
C LEU B 97 4.07 -21.57 13.22
N ASP B 98 3.94 -21.57 11.90
CA ASP B 98 4.05 -20.39 11.07
C ASP B 98 2.67 -19.97 10.61
N LEU B 99 2.40 -18.67 10.66
CA LEU B 99 1.08 -18.12 10.41
C LEU B 99 0.55 -18.52 9.03
N ARG B 100 1.45 -18.64 8.05
CA ARG B 100 1.11 -18.88 6.67
C ARG B 100 0.27 -20.14 6.50
N ARG B 101 0.64 -21.21 7.22
CA ARG B 101 0.02 -22.51 7.01
C ARG B 101 -0.84 -22.93 8.19
N SER B 102 -0.89 -22.12 9.24
CA SER B 102 -1.53 -22.55 10.49
C SER B 102 -2.32 -21.41 11.13
N GLY B 103 -2.53 -20.32 10.39
CA GLY B 103 -3.16 -19.12 10.94
C GLY B 103 -4.60 -19.36 11.39
N GLN B 104 -5.24 -20.38 10.82
CA GLN B 104 -6.63 -20.68 11.14
C GLN B 104 -6.72 -21.29 12.55
N LEU B 105 -5.60 -21.83 13.06
CA LEU B 105 -5.58 -22.49 14.36
C LEU B 105 -5.46 -21.45 15.47
N PHE B 106 -5.12 -20.21 15.13
CA PHE B 106 -4.95 -19.15 16.13
C PHE B 106 -6.23 -18.36 16.34
N ASP B 107 -6.42 -17.85 17.56
CA ASP B 107 -7.49 -16.90 17.83
C ASP B 107 -7.13 -15.56 17.19
N ASP B 108 -8.12 -14.68 17.09
CA ASP B 108 -8.02 -13.50 16.24
C ASP B 108 -6.92 -12.59 16.79
N THR B 109 -6.95 -12.34 18.09
CA THR B 109 -5.95 -11.51 18.76
C THR B 109 -4.55 -12.06 18.51
N SER B 110 -4.32 -13.34 18.79
CA SER B 110 -3.01 -13.95 18.64
C SER B 110 -2.50 -13.80 17.22
N ALA B 111 -3.40 -13.95 16.24
CA ALA B 111 -3.05 -13.87 14.82
C ALA B 111 -2.62 -12.45 14.45
N ALA B 112 -3.27 -11.46 15.08
CA ALA B 112 -2.93 -10.07 14.87
C ALA B 112 -1.53 -9.79 15.42
N LEU B 113 -1.34 -10.15 16.69
CA LEU B 113 -0.06 -10.00 17.37
C LEU B 113 1.04 -10.58 16.50
N LEU B 114 0.82 -11.80 16.01
CA LEU B 114 1.88 -12.53 15.34
C LEU B 114 2.17 -11.90 13.98
N ALA B 115 1.13 -11.46 13.28
CA ALA B 115 1.31 -10.81 11.98
C ALA B 115 2.09 -9.51 12.16
N THR B 116 1.72 -8.69 13.15
CA THR B 116 2.45 -7.46 13.45
C THR B 116 3.91 -7.83 13.76
N ALA B 117 4.09 -8.69 14.76
CA ALA B 117 5.42 -9.04 15.24
C ALA B 117 6.28 -9.56 14.09
N MET B 118 5.66 -10.35 13.22
CA MET B 118 6.38 -11.04 12.16
C MET B 118 6.87 -10.04 11.12
N ALA B 119 6.05 -9.05 10.76
CA ALA B 119 6.42 -8.11 9.71
C ALA B 119 7.48 -7.13 10.24
N MET B 120 7.32 -6.69 11.50
CA MET B 120 8.22 -5.75 12.14
C MET B 120 9.62 -6.35 12.32
N LEU B 121 9.73 -7.51 12.96
CA LEU B 121 11.01 -8.14 13.18
C LEU B 121 11.69 -8.39 11.85
N ALA B 122 10.93 -8.78 10.83
CA ALA B 122 11.52 -9.05 9.54
C ALA B 122 12.08 -7.76 8.96
N TRP B 123 11.34 -6.66 9.17
CA TRP B 123 11.75 -5.34 8.71
C TRP B 123 13.06 -4.93 9.38
N HIS B 124 13.13 -5.00 10.72
CA HIS B 124 14.36 -4.71 11.44
C HIS B 124 15.54 -5.46 10.80
N ASP B 125 15.38 -6.76 10.58
CA ASP B 125 16.42 -7.57 9.99
C ASP B 125 16.80 -7.07 8.59
N ASN B 126 15.94 -6.28 7.92
CA ASN B 126 16.23 -5.81 6.57
C ASN B 126 16.33 -4.27 6.50
N ALA B 127 16.64 -3.61 7.61
CA ALA B 127 16.70 -2.15 7.61
C ALA B 127 17.71 -1.67 8.64
N GLY B 128 18.89 -2.28 8.65
CA GLY B 128 19.95 -1.92 9.57
C GLY B 128 20.81 -0.79 9.01
N TYR B 129 20.55 -0.42 7.74
CA TYR B 129 21.28 0.61 7.05
C TYR B 129 20.31 1.53 6.31
N SER B 130 20.61 2.84 6.31
CA SER B 130 19.84 3.79 5.53
C SER B 130 19.97 3.47 4.04
N PRO B 131 18.83 3.42 3.30
CA PRO B 131 18.86 3.29 1.84
C PRO B 131 19.39 4.55 1.16
N VAL B 132 19.46 5.65 1.94
CA VAL B 132 19.73 6.96 1.40
C VAL B 132 21.23 7.12 1.24
N ASP B 133 21.97 6.94 2.33
CA ASP B 133 23.40 7.18 2.39
C ASP B 133 24.19 5.88 2.59
N GLY B 134 23.70 4.98 3.47
CA GLY B 134 24.39 3.74 3.78
C GLY B 134 24.67 3.58 5.27
N SER B 135 24.37 4.61 6.08
CA SER B 135 24.79 4.62 7.47
C SER B 135 24.09 3.51 8.25
N PRO B 136 24.74 2.92 9.29
CA PRO B 136 24.01 2.11 10.28
C PRO B 136 22.73 2.83 10.69
N THR B 137 21.75 2.07 11.22
CA THR B 137 20.52 2.64 11.77
C THR B 137 20.29 1.98 13.11
N ILE B 138 19.53 2.64 14.01
CA ILE B 138 19.37 2.17 15.38
C ILE B 138 17.88 2.18 15.74
N PRO B 139 17.32 1.08 16.28
CA PRO B 139 15.91 1.06 16.62
C PRO B 139 15.62 2.13 17.67
N ALA B 140 14.37 2.61 17.68
CA ALA B 140 13.89 3.52 18.70
C ALA B 140 12.37 3.49 18.74
N LYS B 141 11.83 4.10 19.80
CA LYS B 141 10.40 4.30 19.95
C LYS B 141 9.69 2.96 19.91
N GLY B 142 10.06 2.09 20.85
CA GLY B 142 9.50 0.75 20.97
C GLY B 142 9.77 -0.10 19.73
N GLY B 143 10.79 0.25 18.94
CA GLY B 143 11.11 -0.49 17.74
C GLY B 143 10.34 -0.04 16.50
N TRP B 144 9.57 1.05 16.60
CA TRP B 144 8.72 1.45 15.48
C TRP B 144 9.43 2.37 14.49
N VAL B 145 10.66 2.80 14.81
CA VAL B 145 11.50 3.50 13.84
C VAL B 145 12.92 2.97 13.98
N ARG B 146 13.70 3.19 12.91
CA ARG B 146 15.13 3.11 13.02
C ARG B 146 15.72 4.47 12.63
N VAL B 147 16.53 5.01 13.54
CA VAL B 147 17.16 6.31 13.36
C VAL B 147 18.52 6.11 12.70
N ASN B 148 18.74 6.81 11.60
CA ASN B 148 20.06 6.92 11.00
C ASN B 148 21.04 7.46 12.05
N SER B 149 22.23 6.85 12.11
CA SER B 149 23.19 7.12 13.18
C SER B 149 23.98 8.40 12.87
N ALA B 150 24.26 8.62 11.58
CA ALA B 150 24.95 9.81 11.12
C ALA B 150 24.04 11.04 11.14
N THR B 151 22.87 10.97 10.48
CA THR B 151 22.03 12.15 10.22
C THR B 151 20.88 12.30 11.23
N GLY B 152 20.42 11.22 11.87
CA GLY B 152 19.30 11.31 12.80
C GLY B 152 17.94 11.21 12.09
N GLN B 153 17.97 10.99 10.77
CA GLN B 153 16.77 10.84 9.96
C GLN B 153 16.10 9.49 10.25
N GLU B 154 14.76 9.51 10.39
CA GLU B 154 14.00 8.32 10.72
C GLU B 154 13.71 7.47 9.48
N GLU B 155 13.81 6.14 9.65
CA GLU B 155 13.35 5.19 8.67
C GLU B 155 12.15 4.45 9.26
N PHE B 156 11.18 4.10 8.40
CA PHE B 156 9.90 3.56 8.84
C PHE B 156 9.62 2.19 8.21
N PRO B 157 8.84 1.34 8.93
CA PRO B 157 8.40 0.04 8.40
C PRO B 157 7.78 0.14 7.02
N ARG B 158 8.08 -0.85 6.17
CA ARG B 158 7.63 -0.89 4.80
C ARG B 158 6.58 -2.00 4.62
N THR B 159 5.42 -1.62 4.07
CA THR B 159 4.40 -2.53 3.60
C THR B 159 4.15 -2.27 2.13
N ASP B 160 4.35 -3.29 1.28
CA ASP B 160 4.13 -3.17 -0.16
C ASP B 160 2.69 -3.55 -0.48
N PRO B 161 1.92 -2.67 -1.14
CA PRO B 161 0.55 -3.03 -1.53
C PRO B 161 0.55 -3.94 -2.74
N ALA B 162 -0.32 -4.94 -2.72
CA ALA B 162 -0.57 -5.81 -3.86
C ALA B 162 -2.06 -5.98 -4.05
N ILE B 163 -2.50 -6.11 -5.29
CA ILE B 163 -3.92 -6.29 -5.59
C ILE B 163 -4.14 -7.76 -5.95
N ILE B 164 -5.37 -8.21 -5.69
CA ILE B 164 -5.84 -9.51 -6.11
C ILE B 164 -7.28 -9.36 -6.58
N CYS B 165 -7.57 -9.91 -7.75
CA CYS B 165 -8.81 -9.56 -8.43
C CYS B 165 -9.55 -10.80 -8.95
N LEU B 166 -10.87 -10.77 -8.81
CA LEU B 166 -11.78 -11.72 -9.42
C LEU B 166 -12.45 -11.04 -10.61
N VAL B 167 -12.09 -11.46 -11.82
CA VAL B 167 -12.77 -11.04 -13.03
C VAL B 167 -13.99 -11.94 -13.22
N HIS B 168 -15.18 -11.32 -13.29
CA HIS B 168 -16.42 -12.03 -13.55
C HIS B 168 -17.17 -11.34 -14.68
N ASP B 169 -18.15 -12.03 -15.26
CA ASP B 169 -18.84 -11.59 -16.47
C ASP B 169 -20.06 -10.72 -16.13
N GLY B 170 -20.32 -10.51 -14.84
CA GLY B 170 -21.48 -9.74 -14.40
C GLY B 170 -22.61 -10.66 -13.98
N GLY B 171 -22.44 -11.97 -14.22
CA GLY B 171 -23.47 -12.95 -13.99
C GLY B 171 -22.91 -14.19 -13.29
N ASP B 172 -22.66 -15.26 -14.04
CA ASP B 172 -22.49 -16.57 -13.45
C ASP B 172 -21.13 -17.19 -13.76
N ARG B 173 -20.22 -16.40 -14.36
CA ARG B 173 -18.93 -16.95 -14.75
C ARG B 173 -17.80 -16.05 -14.22
N ALA B 174 -16.63 -16.65 -14.02
CA ALA B 174 -15.51 -15.92 -13.46
C ALA B 174 -14.19 -16.51 -13.92
N VAL B 175 -13.18 -15.62 -14.07
CA VAL B 175 -11.87 -16.05 -14.51
C VAL B 175 -11.08 -16.56 -13.31
N LEU B 176 -10.45 -17.71 -13.49
CA LEU B 176 -9.40 -18.18 -12.59
C LEU B 176 -8.24 -18.63 -13.47
N GLY B 177 -7.03 -18.62 -12.90
CA GLY B 177 -5.84 -18.90 -13.67
C GLY B 177 -4.82 -19.67 -12.86
N ARG B 178 -3.94 -20.38 -13.59
CA ARG B 178 -2.86 -21.18 -13.01
C ARG B 178 -1.53 -20.58 -13.45
N GLN B 179 -0.67 -20.31 -12.46
CA GLN B 179 0.69 -19.87 -12.73
C GLN B 179 1.55 -21.08 -13.09
N LYS B 180 2.50 -20.85 -14.02
CA LYS B 180 3.35 -21.88 -14.60
C LYS B 180 4.09 -22.64 -13.49
N PHE B 181 4.34 -21.99 -12.35
CA PHE B 181 5.20 -22.52 -11.31
C PHE B 181 4.43 -23.19 -10.18
N TRP B 182 3.10 -23.32 -10.33
CA TRP B 182 2.26 -24.09 -9.43
C TRP B 182 2.05 -25.51 -9.98
N PRO B 183 1.61 -26.48 -9.13
CA PRO B 183 1.01 -27.73 -9.61
C PRO B 183 -0.10 -27.52 -10.65
N GLU B 184 -0.73 -28.60 -11.09
CA GLU B 184 -1.38 -28.61 -12.40
C GLU B 184 -2.90 -28.51 -12.33
N ARG B 185 -3.47 -28.60 -11.14
CA ARG B 185 -4.92 -28.50 -11.00
C ARG B 185 -5.28 -27.34 -10.07
N MET B 186 -4.30 -26.46 -9.84
CA MET B 186 -4.35 -25.46 -8.79
C MET B 186 -4.47 -24.08 -9.45
N PHE B 187 -5.65 -23.46 -9.30
CA PHE B 187 -5.96 -22.16 -9.89
C PHE B 187 -6.26 -21.15 -8.80
N SER B 188 -6.20 -19.86 -9.13
CA SER B 188 -6.61 -18.83 -8.21
C SER B 188 -6.92 -17.55 -8.97
N LEU B 189 -7.08 -16.47 -8.19
CA LEU B 189 -7.29 -15.14 -8.70
C LEU B 189 -6.00 -14.59 -9.33
N LEU B 190 -6.13 -13.42 -9.98
CA LEU B 190 -5.01 -12.72 -10.57
C LEU B 190 -4.48 -11.71 -9.56
N ALA B 191 -3.15 -11.65 -9.43
CA ALA B 191 -2.53 -10.80 -8.42
C ALA B 191 -1.37 -10.03 -9.05
N GLY B 192 -0.95 -8.99 -8.33
CA GLY B 192 0.15 -8.14 -8.77
C GLY B 192 0.47 -7.08 -7.74
N PHE B 193 1.73 -6.64 -7.72
CA PHE B 193 2.12 -5.51 -6.92
C PHE B 193 1.71 -4.20 -7.60
N VAL B 194 1.38 -3.21 -6.79
CA VAL B 194 1.06 -1.85 -7.22
C VAL B 194 2.37 -1.17 -7.57
N GLU B 195 2.46 -0.62 -8.79
CA GLU B 195 3.63 0.13 -9.18
C GLU B 195 3.48 1.59 -8.76
N ALA B 196 4.62 2.29 -8.68
CA ALA B 196 4.62 3.72 -8.44
C ALA B 196 3.87 4.41 -9.59
N GLY B 197 3.04 5.41 -9.26
CA GLY B 197 2.46 6.27 -10.27
C GLY B 197 1.11 5.78 -10.80
N GLU B 198 0.59 4.69 -10.23
CA GLU B 198 -0.72 4.19 -10.62
C GLU B 198 -1.61 4.03 -9.38
N SER B 199 -2.91 4.16 -9.60
CA SER B 199 -3.94 3.90 -8.61
C SER B 199 -4.22 2.40 -8.55
N LEU B 200 -4.92 1.96 -7.50
CA LEU B 200 -5.24 0.55 -7.36
C LEU B 200 -6.06 0.09 -8.56
N GLU B 201 -6.99 0.94 -8.99
CA GLU B 201 -7.92 0.54 -10.05
C GLU B 201 -7.17 0.35 -11.35
N ALA B 202 -6.21 1.23 -11.62
CA ALA B 202 -5.39 1.12 -12.82
C ALA B 202 -4.47 -0.10 -12.74
N CYS B 203 -3.98 -0.39 -11.54
CA CYS B 203 -3.13 -1.55 -11.31
C CYS B 203 -3.90 -2.83 -11.62
N VAL B 204 -5.15 -2.92 -11.11
CA VAL B 204 -5.98 -4.08 -11.37
C VAL B 204 -6.12 -4.28 -12.88
N ALA B 205 -6.59 -3.23 -13.57
CA ALA B 205 -6.76 -3.27 -15.02
C ALA B 205 -5.45 -3.65 -15.72
N ARG B 206 -4.32 -3.09 -15.26
CA ARG B 206 -3.03 -3.38 -15.85
C ARG B 206 -2.70 -4.86 -15.61
N GLU B 207 -2.78 -5.33 -14.36
CA GLU B 207 -2.31 -6.66 -14.02
C GLU B 207 -3.21 -7.71 -14.69
N VAL B 208 -4.51 -7.43 -14.81
CA VAL B 208 -5.39 -8.35 -15.50
C VAL B 208 -4.99 -8.41 -16.96
N ALA B 209 -4.80 -7.25 -17.61
CA ALA B 209 -4.44 -7.23 -19.02
C ALA B 209 -3.12 -7.97 -19.27
N GLU B 210 -2.12 -7.74 -18.41
CA GLU B 210 -0.82 -8.39 -18.57
C GLU B 210 -0.99 -9.91 -18.51
N GLU B 211 -1.67 -10.41 -17.47
CA GLU B 211 -1.63 -11.82 -17.14
C GLU B 211 -2.53 -12.65 -18.05
N VAL B 212 -3.71 -12.13 -18.45
CA VAL B 212 -4.65 -12.91 -19.26
C VAL B 212 -5.21 -12.11 -20.45
N GLY B 213 -4.81 -10.85 -20.63
CA GLY B 213 -5.11 -10.11 -21.85
C GLY B 213 -6.57 -9.66 -21.97
N LEU B 214 -7.28 -9.56 -20.84
CA LEU B 214 -8.65 -9.06 -20.86
C LEU B 214 -8.67 -7.58 -20.52
N THR B 215 -9.69 -6.89 -21.03
CA THR B 215 -9.97 -5.51 -20.68
C THR B 215 -11.15 -5.51 -19.72
N VAL B 216 -10.96 -4.89 -18.54
CA VAL B 216 -11.93 -4.98 -17.46
C VAL B 216 -12.45 -3.59 -17.17
N THR B 217 -13.66 -3.52 -16.60
CA THR B 217 -14.23 -2.29 -16.06
C THR B 217 -14.92 -2.59 -14.73
N ASP B 218 -15.42 -1.53 -14.09
CA ASP B 218 -16.20 -1.63 -12.86
C ASP B 218 -15.37 -2.33 -11.78
N VAL B 219 -14.13 -1.82 -11.59
CA VAL B 219 -13.21 -2.36 -10.61
C VAL B 219 -13.59 -1.87 -9.21
N GLN B 220 -13.98 -2.81 -8.32
CA GLN B 220 -14.47 -2.45 -6.99
C GLN B 220 -13.73 -3.23 -5.90
N TYR B 221 -13.40 -2.50 -4.83
CA TYR B 221 -12.73 -3.04 -3.66
C TYR B 221 -13.68 -3.88 -2.82
N LEU B 222 -13.15 -4.97 -2.29
CA LEU B 222 -13.91 -5.91 -1.46
C LEU B 222 -13.42 -5.89 -0.02
N GLY B 223 -12.09 -5.80 0.15
CA GLY B 223 -11.48 -5.74 1.47
C GLY B 223 -9.97 -5.90 1.39
N SER B 224 -9.33 -5.99 2.56
CA SER B 224 -7.88 -6.00 2.65
C SER B 224 -7.42 -6.97 3.73
N GLN B 225 -6.15 -7.36 3.63
CA GLN B 225 -5.57 -8.35 4.52
C GLN B 225 -4.06 -8.15 4.64
N PRO B 226 -3.50 -8.01 5.85
CA PRO B 226 -2.06 -7.94 6.03
C PRO B 226 -1.49 -9.27 5.58
N TRP B 227 -0.32 -9.22 4.91
CA TRP B 227 0.27 -10.39 4.28
C TRP B 227 1.77 -10.42 4.52
N PRO B 228 2.20 -10.63 5.79
CA PRO B 228 3.60 -10.52 6.18
C PRO B 228 4.55 -11.61 5.70
N PHE B 229 4.63 -11.80 4.39
CA PHE B 229 5.35 -12.91 3.84
C PHE B 229 6.17 -12.42 2.65
N PRO B 230 7.15 -11.51 2.85
CA PRO B 230 7.45 -10.95 4.17
C PRO B 230 6.76 -9.64 4.57
N ARG B 231 6.24 -8.86 3.60
CA ARG B 231 5.80 -7.50 3.94
C ARG B 231 4.80 -6.93 2.94
N SER B 232 3.74 -7.68 2.65
CA SER B 232 2.71 -7.21 1.74
C SER B 232 1.49 -6.79 2.54
N ILE B 233 0.59 -6.08 1.87
CA ILE B 233 -0.81 -6.00 2.24
C ILE B 233 -1.59 -6.28 0.97
N MET B 234 -2.55 -7.21 1.06
CA MET B 234 -3.32 -7.64 -0.09
C MET B 234 -4.63 -6.86 -0.11
N LEU B 235 -4.95 -6.28 -1.28
CA LEU B 235 -6.15 -5.50 -1.46
C LEU B 235 -7.02 -6.23 -2.48
N GLY B 236 -8.21 -6.63 -2.05
CA GLY B 236 -9.06 -7.49 -2.88
C GLY B 236 -10.04 -6.67 -3.70
N PHE B 237 -10.21 -7.08 -4.95
CA PHE B 237 -11.08 -6.39 -5.90
C PHE B 237 -11.88 -7.40 -6.72
N HIS B 238 -12.97 -6.93 -7.33
CA HIS B 238 -13.61 -7.61 -8.46
C HIS B 238 -13.76 -6.64 -9.62
N ALA B 239 -13.90 -7.22 -10.82
CA ALA B 239 -14.03 -6.44 -12.04
C ALA B 239 -14.83 -7.23 -13.07
N ILE B 240 -15.45 -6.48 -14.00
CA ILE B 240 -16.26 -7.09 -15.04
C ILE B 240 -15.43 -7.20 -16.30
N GLY B 241 -15.35 -8.42 -16.84
CA GLY B 241 -14.75 -8.68 -18.14
C GLY B 241 -15.82 -9.11 -19.15
N ASP B 242 -15.36 -9.56 -20.33
CA ASP B 242 -16.24 -10.03 -21.38
C ASP B 242 -15.70 -11.38 -21.86
N PRO B 243 -16.45 -12.48 -21.68
CA PRO B 243 -16.02 -13.80 -22.15
C PRO B 243 -15.69 -13.94 -23.65
N SER B 244 -16.31 -13.10 -24.49
CA SER B 244 -16.16 -13.18 -25.94
C SER B 244 -14.76 -12.71 -26.36
N GLN B 245 -14.18 -11.77 -25.61
CA GLN B 245 -12.80 -11.36 -25.84
C GLN B 245 -11.88 -12.53 -25.51
N PRO B 246 -11.06 -13.04 -26.46
CA PRO B 246 -10.23 -14.21 -26.19
C PRO B 246 -9.13 -13.92 -25.18
N PHE B 247 -8.57 -14.97 -24.60
CA PHE B 247 -7.47 -14.84 -23.66
C PHE B 247 -6.19 -14.54 -24.45
N ALA B 248 -5.12 -14.21 -23.71
CA ALA B 248 -3.79 -14.00 -24.26
C ALA B 248 -2.77 -13.87 -23.12
N PHE B 249 -1.78 -14.76 -23.08
CA PHE B 249 -0.85 -14.84 -21.97
C PHE B 249 0.44 -14.10 -22.32
N ASN B 250 0.37 -12.76 -22.23
CA ASN B 250 1.43 -11.87 -22.67
C ASN B 250 2.59 -11.98 -21.70
N ASP B 251 2.48 -11.30 -20.56
CA ASP B 251 3.40 -11.49 -19.45
C ASP B 251 3.14 -12.91 -18.93
N GLY B 252 3.89 -13.86 -19.48
CA GLY B 252 3.61 -15.27 -19.31
C GLY B 252 3.94 -15.75 -17.90
N GLU B 253 3.17 -15.25 -16.91
CA GLU B 253 3.15 -15.84 -15.59
C GLU B 253 2.05 -16.90 -15.54
N ILE B 254 1.07 -16.82 -16.47
CA ILE B 254 -0.12 -17.65 -16.43
C ILE B 254 -0.05 -18.72 -17.51
N ALA B 255 0.02 -19.99 -17.07
CA ALA B 255 0.04 -21.14 -17.97
C ALA B 255 -1.34 -21.35 -18.61
N GLU B 256 -2.39 -21.32 -17.80
CA GLU B 256 -3.73 -21.62 -18.28
C GLU B 256 -4.77 -20.85 -17.48
N ALA B 257 -5.92 -20.60 -18.11
CA ALA B 257 -7.02 -19.87 -17.51
C ALA B 257 -8.30 -20.20 -18.26
N ASP B 258 -9.44 -20.04 -17.59
CA ASP B 258 -10.73 -20.23 -18.24
C ASP B 258 -11.79 -19.50 -17.43
N TRP B 259 -13.00 -19.39 -18.00
CA TRP B 259 -14.16 -18.95 -17.25
C TRP B 259 -14.83 -20.16 -16.60
N PHE B 260 -15.24 -20.01 -15.33
CA PHE B 260 -15.83 -21.08 -14.55
C PHE B 260 -17.20 -20.62 -14.03
N THR B 261 -18.11 -21.57 -13.84
CA THR B 261 -19.44 -21.29 -13.32
C THR B 261 -19.36 -21.27 -11.79
N ARG B 262 -20.30 -20.53 -11.18
CA ARG B 262 -20.47 -20.58 -9.74
C ARG B 262 -20.57 -22.03 -9.28
N ALA B 263 -21.40 -22.81 -9.96
CA ALA B 263 -21.55 -24.24 -9.68
C ALA B 263 -20.17 -24.91 -9.58
N GLU B 264 -19.36 -24.77 -10.64
CA GLU B 264 -18.05 -25.41 -10.70
C GLU B 264 -17.19 -25.01 -9.50
N VAL B 265 -17.24 -23.72 -9.16
CA VAL B 265 -16.36 -23.17 -8.13
C VAL B 265 -16.82 -23.65 -6.76
N ARG B 266 -18.13 -23.61 -6.50
CA ARG B 266 -18.68 -24.10 -5.25
C ARG B 266 -18.21 -25.52 -4.97
N SER B 267 -18.29 -26.40 -5.96
CA SER B 267 -17.93 -27.80 -5.79
C SER B 267 -16.42 -27.95 -5.64
N ALA B 268 -15.66 -27.04 -6.27
CA ALA B 268 -14.20 -27.03 -6.15
C ALA B 268 -13.79 -26.57 -4.75
N LEU B 269 -14.55 -25.61 -4.20
CA LEU B 269 -14.34 -25.10 -2.84
C LEU B 269 -14.58 -26.22 -1.84
N GLU B 270 -15.63 -27.03 -2.07
CA GLU B 270 -16.02 -28.08 -1.15
C GLU B 270 -15.01 -29.24 -1.19
N ALA B 271 -14.39 -29.50 -2.34
CA ALA B 271 -13.37 -30.54 -2.48
C ALA B 271 -12.19 -30.26 -1.56
N GLY B 272 -11.49 -29.13 -1.80
CA GLY B 272 -10.51 -28.62 -0.85
C GLY B 272 -9.84 -27.34 -1.35
N ASP B 273 -8.69 -27.02 -0.74
CA ASP B 273 -7.85 -25.93 -1.21
C ASP B 273 -6.52 -26.52 -1.69
N TRP B 274 -5.46 -25.70 -1.70
CA TRP B 274 -4.17 -26.10 -2.26
C TRP B 274 -3.55 -27.27 -1.48
N THR B 275 -3.90 -27.42 -0.20
CA THR B 275 -3.28 -28.42 0.68
C THR B 275 -3.91 -29.80 0.43
N THR B 276 -5.23 -29.87 0.22
CA THR B 276 -5.92 -31.14 -0.02
C THR B 276 -5.63 -31.62 -1.43
N ASP B 279 -8.56 -35.13 -6.37
CA ASP B 279 -9.69 -35.81 -7.05
C ASP B 279 -9.92 -35.20 -8.44
N SER B 280 -10.37 -33.92 -8.49
CA SER B 280 -10.89 -33.31 -9.72
C SER B 280 -9.91 -32.27 -10.28
N ARG B 281 -10.29 -31.65 -11.41
CA ARG B 281 -9.38 -30.87 -12.24
C ARG B 281 -9.16 -29.46 -11.68
N LEU B 282 -10.12 -28.97 -10.88
CA LEU B 282 -10.01 -27.66 -10.25
C LEU B 282 -9.97 -27.84 -8.73
N MET B 283 -8.99 -27.21 -8.09
CA MET B 283 -8.81 -27.25 -6.65
C MET B 283 -8.20 -25.90 -6.25
N LEU B 284 -8.63 -25.31 -5.14
CA LEU B 284 -8.40 -23.88 -4.94
C LEU B 284 -7.39 -23.57 -3.83
N PRO B 285 -6.17 -23.08 -4.18
CA PRO B 285 -5.28 -22.42 -3.22
C PRO B 285 -5.94 -21.17 -2.63
N GLY B 286 -5.63 -20.94 -1.36
CA GLY B 286 -6.43 -20.10 -0.49
C GLY B 286 -6.96 -20.95 0.66
N SER B 287 -6.41 -20.71 1.84
CA SER B 287 -7.09 -21.04 3.08
C SER B 287 -7.25 -19.75 3.87
N ILE B 288 -6.10 -19.22 4.30
CA ILE B 288 -6.08 -17.96 5.03
C ILE B 288 -6.08 -16.79 4.04
N SER B 289 -5.92 -17.05 2.74
CA SER B 289 -5.81 -15.95 1.79
C SER B 289 -7.18 -15.30 1.60
N ILE B 290 -7.18 -13.98 1.44
CA ILE B 290 -8.37 -13.25 1.06
C ILE B 290 -8.86 -13.73 -0.31
N ALA B 291 -7.98 -14.36 -1.10
CA ALA B 291 -8.37 -14.92 -2.38
C ALA B 291 -9.54 -15.90 -2.23
N ARG B 292 -9.42 -16.84 -1.28
CA ARG B 292 -10.45 -17.84 -1.08
C ARG B 292 -11.74 -17.16 -0.67
N GLU B 293 -11.63 -16.17 0.22
CA GLU B 293 -12.80 -15.48 0.75
C GLU B 293 -13.54 -14.75 -0.36
N ILE B 294 -12.82 -14.24 -1.36
CA ILE B 294 -13.41 -13.48 -2.45
C ILE B 294 -14.15 -14.46 -3.36
N VAL B 295 -13.47 -15.56 -3.72
CA VAL B 295 -14.05 -16.55 -4.60
C VAL B 295 -15.32 -17.10 -3.95
N GLU B 296 -15.21 -17.42 -2.67
CA GLU B 296 -16.31 -18.01 -1.92
C GLU B 296 -17.47 -17.04 -1.83
N SER B 297 -17.19 -15.76 -1.57
CA SER B 297 -18.24 -14.75 -1.43
C SER B 297 -18.99 -14.53 -2.73
N TRP B 298 -18.33 -14.76 -3.87
CA TRP B 298 -18.94 -14.57 -5.16
C TRP B 298 -19.80 -15.79 -5.53
N ALA B 299 -19.24 -16.99 -5.34
CA ALA B 299 -19.82 -18.25 -5.79
C ALA B 299 -21.09 -18.64 -5.01
N TYR B 300 -21.22 -18.19 -3.76
CA TYR B 300 -22.44 -18.38 -2.99
C TYR B 300 -23.14 -17.03 -2.87
N ALA B 301 -24.21 -16.84 -3.64
CA ALA B 301 -25.06 -15.65 -3.51
C ALA B 301 -26.51 -16.08 -3.25
CA CA C . -1.35 12.55 9.72
CA CA D . 1.02 6.18 12.72
CA CA E . 1.79 -5.35 -21.68
CA CA F . -1.07 9.79 13.79
CA CA G . -19.84 22.68 16.42
CA CA H . 18.35 30.03 -21.70
CA CA I . 0.03 11.18 5.06
P AMP J . 0.81 9.64 10.54
O1P AMP J . 0.53 10.41 9.26
O2P AMP J . -0.14 9.99 11.67
O3P AMP J . 0.91 8.14 10.30
O5' AMP J . 2.28 10.09 11.03
C5' AMP J . 2.77 11.43 10.74
C4' AMP J . 4.24 11.37 10.37
O4' AMP J . 4.78 10.06 10.69
C3' AMP J . 4.58 11.55 8.89
O3' AMP J . 4.64 12.91 8.50
C2' AMP J . 5.94 10.86 8.77
O2' AMP J . 7.04 11.70 9.06
C1' AMP J . 5.84 9.74 9.82
N9 AMP J . 5.61 8.41 9.25
C8 AMP J . 5.00 7.36 9.90
N7 AMP J . 4.94 6.27 9.18
C5 AMP J . 5.56 6.61 7.98
C6 AMP J . 5.82 5.88 6.80
N6 AMP J . 5.46 4.61 6.64
N1 AMP J . 6.44 6.53 5.78
C2 AMP J . 6.79 7.81 5.97
N3 AMP J . 6.61 8.59 7.03
C4 AMP J . 5.99 7.93 8.01
C TRS K . 12.96 11.00 -35.16
C1 TRS K . 14.33 10.30 -35.20
C2 TRS K . 12.74 11.57 -33.76
C3 TRS K . 11.84 10.02 -35.51
N TRS K . 12.97 12.12 -36.15
O1 TRS K . 14.44 9.37 -36.27
O2 TRS K . 11.45 12.12 -33.60
O3 TRS K . 11.26 10.26 -36.79
CA CA L . 4.28 -5.53 -11.23
CA CA M . 1.83 -10.57 -11.48
CA CA N . 12.84 -31.89 13.91
CA CA O . 1.92 -10.63 -5.10
CA CA P . -3.91 6.31 21.48
CA CA Q . 3.56 -8.28 -13.96
P AMP R . 7.18 -12.44 -6.28
O1P AMP R . 5.77 -12.98 -6.08
O2P AMP R . 7.58 -11.42 -5.23
O3P AMP R . 8.21 -13.54 -6.44
O5' AMP R . 7.16 -11.68 -7.71
C5' AMP R . 8.14 -10.64 -7.93
C4' AMP R . 7.67 -9.74 -9.05
O4' AMP R . 7.04 -8.57 -8.48
C3' AMP R . 8.78 -9.21 -9.96
O3' AMP R . 8.34 -9.15 -11.31
C2' AMP R . 9.06 -7.82 -9.37
O2' AMP R . 9.59 -6.92 -10.32
C1' AMP R . 7.67 -7.39 -8.94
N9 AMP R . 7.63 -6.39 -7.87
C8 AMP R . 7.26 -5.06 -8.02
N7 AMP R . 7.30 -4.38 -6.90
C5 AMP R . 7.73 -5.30 -5.95
C6 AMP R . 7.97 -5.18 -4.56
N6 AMP R . 7.81 -4.04 -3.89
N1 AMP R . 8.38 -6.29 -3.89
C2 AMP R . 8.54 -7.43 -4.59
N3 AMP R . 8.35 -7.66 -5.89
C4 AMP R . 7.93 -6.54 -6.53
C TRS S . 3.38 -10.08 38.01
C1 TRS S . 2.35 -8.98 38.24
C2 TRS S . 2.82 -11.14 37.07
C3 TRS S . 4.70 -9.48 37.48
N TRS S . 3.68 -10.69 39.34
O1 TRS S . 1.06 -9.54 38.51
O2 TRS S . 3.46 -11.17 35.81
O3 TRS S . 5.83 -10.20 37.90
#